data_7QS1
#
_entry.id   7QS1
#
_cell.length_a   65.636
_cell.length_b   42.018
_cell.length_c   68.584
_cell.angle_alpha   90.000
_cell.angle_beta   99.440
_cell.angle_gamma   90.000
#
_symmetry.space_group_name_H-M   'P 1 21 1'
#
loop_
_entity.id
_entity.type
_entity.pdbx_description
1 polymer 'E3 ubiquitin-protein ligase TRIM11'
2 non-polymer 'SULFATE ION'
3 non-polymer 1,2-ETHANEDIOL
4 water water
#
_entity_poly.entity_id   1
_entity_poly.type   'polypeptide(L)'
_entity_poly.pdbx_seq_one_letter_code
;SMGLVETLRRFRGDVTLDPDTANPELILSEDRRSVQRGDLRQALPDSPERFDPGPCVLGQERFTSGRHYWEVEVGDRTSW
ALGVCRENVNRKEKGELSAGNGFWILVFLGSYYNSSERALAPLRDPPRRVGIFLDYEAGHLSFYSATDGSLLFIFPEIPF
SGTLRPLFSPLSSSPTPMTICRPKGGS
;
_entity_poly.pdbx_strand_id   A,B
#
# COMPACT_ATOMS: atom_id res chain seq x y z
N MET A 2 15.43 -25.79 8.44
CA MET A 2 15.59 -26.47 7.13
C MET A 2 14.31 -27.28 6.82
N GLY A 3 13.34 -26.67 6.14
CA GLY A 3 12.08 -27.31 5.72
C GLY A 3 11.89 -27.26 4.20
N LEU A 4 10.71 -27.64 3.72
CA LEU A 4 10.47 -27.79 2.26
C LEU A 4 10.68 -26.42 1.56
N VAL A 5 10.20 -25.34 2.15
CA VAL A 5 10.28 -24.00 1.49
C VAL A 5 11.76 -23.63 1.23
N GLU A 6 12.69 -23.90 2.15
CA GLU A 6 14.14 -23.61 1.93
C GLU A 6 14.66 -24.44 0.77
N THR A 7 14.25 -25.68 0.65
CA THR A 7 14.68 -26.58 -0.46
C THR A 7 14.09 -26.12 -1.81
N LEU A 8 12.79 -25.85 -1.86
CA LEU A 8 12.13 -25.50 -3.13
C LEU A 8 12.66 -24.13 -3.63
N ARG A 9 13.16 -23.27 -2.74
CA ARG A 9 13.74 -21.97 -3.15
C ARG A 9 14.95 -22.21 -4.05
N ARG A 10 15.50 -23.43 -4.05
CA ARG A 10 16.60 -23.82 -4.96
C ARG A 10 16.12 -23.95 -6.44
N PHE A 11 14.83 -23.78 -6.70
CA PHE A 11 14.30 -23.56 -8.08
C PHE A 11 14.46 -22.10 -8.58
N ARG A 12 14.93 -21.18 -7.75
CA ARG A 12 15.04 -19.76 -8.24
C ARG A 12 16.01 -19.69 -9.41
N GLY A 13 15.60 -18.99 -10.45
CA GLY A 13 16.41 -18.87 -11.69
C GLY A 13 17.23 -17.59 -11.70
N ASP A 14 18.14 -17.50 -12.64
CA ASP A 14 19.01 -16.30 -12.84
C ASP A 14 18.23 -15.23 -13.58
N VAL A 15 18.52 -13.99 -13.26
CA VAL A 15 18.07 -12.84 -14.05
C VAL A 15 19.25 -11.88 -14.12
N THR A 16 19.55 -11.40 -15.31
CA THR A 16 20.56 -10.35 -15.52
C THR A 16 19.85 -9.13 -16.13
N LEU A 17 20.22 -7.95 -15.68
CA LEU A 17 19.56 -6.71 -16.11
C LEU A 17 20.04 -6.33 -17.51
N ASP A 18 19.15 -5.73 -18.31
CA ASP A 18 19.48 -5.20 -19.66
C ASP A 18 19.79 -3.73 -19.50
N PRO A 19 21.06 -3.33 -19.61
CA PRO A 19 21.46 -1.94 -19.41
C PRO A 19 20.78 -0.95 -20.38
N ASP A 20 20.47 -1.39 -21.59
CA ASP A 20 19.82 -0.56 -22.64
C ASP A 20 18.38 -0.15 -22.22
N THR A 21 17.78 -0.82 -21.24
CA THR A 21 16.38 -0.52 -20.81
C THR A 21 16.39 0.44 -19.60
N ALA A 22 17.52 0.60 -18.91
CA ALA A 22 17.59 1.24 -17.59
C ALA A 22 17.39 2.75 -17.71
N ASN A 23 16.51 3.29 -16.90
CA ASN A 23 16.32 4.74 -16.71
C ASN A 23 17.68 5.39 -16.44
N PRO A 24 17.95 6.57 -17.00
CA PRO A 24 19.29 7.16 -16.90
C PRO A 24 19.71 7.63 -15.50
N GLU A 25 18.83 7.54 -14.51
CA GLU A 25 19.22 7.80 -13.11
C GLU A 25 19.74 6.53 -12.43
N LEU A 26 19.60 5.37 -13.07
CA LEU A 26 20.00 4.08 -12.47
C LEU A 26 21.45 3.77 -12.82
N ILE A 27 22.19 3.18 -11.90
CA ILE A 27 23.48 2.53 -12.26
C ILE A 27 23.36 1.02 -12.05
N LEU A 28 24.05 0.27 -12.89
CA LEU A 28 24.09 -1.21 -12.84
C LEU A 28 25.51 -1.66 -12.46
N SER A 29 25.57 -2.74 -11.74
CA SER A 29 26.83 -3.44 -11.42
C SER A 29 27.37 -4.09 -12.70
N GLU A 30 28.64 -4.37 -12.64
CA GLU A 30 29.46 -5.03 -13.64
C GLU A 30 28.84 -6.40 -13.99
N ASP A 31 28.29 -7.09 -13.00
CA ASP A 31 27.71 -8.43 -13.23
C ASP A 31 26.23 -8.33 -13.59
N ARG A 32 25.66 -7.13 -13.63
CA ARG A 32 24.26 -6.86 -14.08
C ARG A 32 23.24 -7.57 -13.16
N ARG A 33 23.58 -7.85 -11.91
CA ARG A 33 22.64 -8.40 -10.90
C ARG A 33 22.23 -7.31 -9.88
N SER A 34 22.89 -6.15 -9.85
CA SER A 34 22.54 -5.07 -8.90
C SER A 34 22.21 -3.77 -9.63
N VAL A 35 21.29 -3.01 -9.07
CA VAL A 35 20.90 -1.70 -9.59
C VAL A 35 20.68 -0.76 -8.42
N GLN A 36 21.10 0.49 -8.60
CA GLN A 36 20.95 1.52 -7.58
C GLN A 36 20.44 2.78 -8.26
N ARG A 37 19.56 3.51 -7.57
CA ARG A 37 19.06 4.80 -8.06
C ARG A 37 19.92 5.89 -7.47
N GLY A 38 20.55 6.74 -8.30
CA GLY A 38 21.22 7.97 -7.86
C GLY A 38 20.31 9.19 -8.00
N ASP A 39 20.86 10.40 -7.87
CA ASP A 39 20.09 11.65 -8.03
C ASP A 39 20.49 12.39 -9.33
N LEU A 40 21.22 11.74 -10.22
CA LEU A 40 21.82 12.42 -11.41
C LEU A 40 21.31 11.74 -12.66
N ARG A 41 20.92 12.50 -13.65
CA ARG A 41 20.63 11.96 -14.98
C ARG A 41 21.95 11.81 -15.75
N GLN A 42 22.27 10.60 -16.16
CA GLN A 42 23.52 10.28 -16.87
C GLN A 42 23.35 10.51 -18.39
N ALA A 43 24.45 10.70 -19.10
CA ALA A 43 24.52 10.82 -20.58
C ALA A 43 24.53 9.40 -21.18
N LEU A 44 23.40 8.88 -21.56
CA LEU A 44 23.30 7.52 -22.14
C LEU A 44 22.69 7.66 -23.53
N PRO A 45 23.09 6.81 -24.49
CA PRO A 45 22.41 6.75 -25.76
C PRO A 45 20.93 6.46 -25.53
N ASP A 46 20.05 7.22 -26.17
CA ASP A 46 18.60 7.05 -26.02
C ASP A 46 18.10 6.12 -27.12
N SER A 47 17.00 5.47 -26.85
CA SER A 47 16.25 4.62 -27.78
C SER A 47 14.89 4.35 -27.20
N PRO A 48 13.94 3.83 -28.01
CA PRO A 48 12.64 3.41 -27.51
C PRO A 48 12.68 2.34 -26.41
N GLU A 49 13.75 1.60 -26.31
CA GLU A 49 13.88 0.49 -25.31
C GLU A 49 14.13 1.04 -23.89
N ARG A 50 14.61 2.27 -23.74
CA ARG A 50 15.03 2.81 -22.41
C ARG A 50 13.83 3.44 -21.69
N PHE A 51 13.55 3.01 -20.46
CA PHE A 51 12.54 3.61 -19.55
C PHE A 51 12.93 5.06 -19.24
N ASP A 52 12.00 5.96 -19.49
CA ASP A 52 12.17 7.41 -19.26
C ASP A 52 10.81 8.07 -19.42
N PRO A 53 10.20 8.67 -18.38
CA PRO A 53 10.83 8.91 -17.07
C PRO A 53 10.66 7.83 -15.98
N GLY A 54 9.96 6.72 -16.27
CA GLY A 54 9.78 5.60 -15.31
C GLY A 54 11.13 5.08 -14.80
N PRO A 55 11.36 5.02 -13.46
CA PRO A 55 12.68 4.63 -12.91
C PRO A 55 12.91 3.11 -12.87
N CYS A 56 12.84 2.48 -14.03
CA CYS A 56 12.80 1.01 -14.19
C CYS A 56 13.97 0.51 -15.01
N VAL A 57 14.22 -0.80 -14.90
CA VAL A 57 15.13 -1.56 -15.77
C VAL A 57 14.50 -2.94 -15.97
N LEU A 58 14.70 -3.55 -17.11
CA LEU A 58 14.16 -4.91 -17.36
C LEU A 58 15.30 -5.95 -17.20
N GLY A 59 14.93 -7.18 -16.88
CA GLY A 59 15.78 -8.36 -17.08
C GLY A 59 15.88 -8.70 -18.55
N GLN A 60 16.99 -9.29 -18.94
CA GLN A 60 17.23 -9.79 -20.32
C GLN A 60 16.28 -10.95 -20.62
N GLU A 61 15.81 -11.64 -19.61
CA GLU A 61 14.97 -12.85 -19.76
C GLU A 61 13.61 -12.51 -20.40
N ARG A 62 13.07 -13.45 -21.17
CA ARG A 62 11.80 -13.33 -21.91
C ARG A 62 10.93 -14.50 -21.53
N PHE A 63 9.78 -14.26 -20.96
CA PHE A 63 8.83 -15.33 -20.57
C PHE A 63 7.75 -15.42 -21.63
N THR A 64 7.57 -16.61 -22.22
CA THR A 64 6.47 -16.87 -23.18
C THR A 64 5.60 -18.04 -22.70
N SER A 65 6.05 -18.80 -21.71
CA SER A 65 5.34 -19.96 -21.12
C SER A 65 6.03 -20.38 -19.83
N GLY A 66 5.41 -21.29 -19.08
CA GLY A 66 6.03 -22.03 -17.99
C GLY A 66 6.03 -21.29 -16.66
N ARG A 67 6.68 -21.88 -15.68
CA ARG A 67 6.76 -21.43 -14.29
C ARG A 67 8.15 -20.86 -14.05
N HIS A 68 8.23 -19.70 -13.41
CA HIS A 68 9.50 -18.99 -13.18
C HIS A 68 9.46 -18.37 -11.79
N TYR A 69 10.54 -18.55 -11.03
CA TYR A 69 10.71 -18.00 -9.67
C TYR A 69 12.05 -17.27 -9.63
N TRP A 70 12.07 -16.08 -9.05
CA TRP A 70 13.35 -15.35 -8.81
C TRP A 70 13.27 -14.55 -7.53
N GLU A 71 14.42 -14.26 -6.94
CA GLU A 71 14.54 -13.59 -5.63
C GLU A 71 15.39 -12.33 -5.77
N VAL A 72 15.00 -11.31 -5.06
CA VAL A 72 15.66 -9.98 -5.09
C VAL A 72 15.91 -9.58 -3.65
N GLU A 73 17.16 -9.27 -3.32
CA GLU A 73 17.50 -8.63 -2.03
C GLU A 73 17.24 -7.10 -2.15
N VAL A 74 16.39 -6.59 -1.28
CA VAL A 74 16.09 -5.15 -1.19
C VAL A 74 16.60 -4.62 0.17
N GLY A 75 16.73 -5.49 1.20
CA GLY A 75 17.34 -5.15 2.50
C GLY A 75 16.43 -4.25 3.33
N ASP A 76 16.89 -3.06 3.75
CA ASP A 76 16.11 -2.22 4.69
C ASP A 76 15.00 -1.46 3.93
N ARG A 77 15.01 -1.51 2.59
CA ARG A 77 14.25 -0.57 1.73
C ARG A 77 12.80 -0.54 2.16
N THR A 78 12.24 0.65 2.25
CA THR A 78 10.78 0.89 2.33
C THR A 78 10.39 1.62 1.05
N SER A 79 11.01 1.27 -0.09
CA SER A 79 10.52 1.73 -1.42
C SER A 79 11.14 0.94 -2.55
N TRP A 80 10.31 0.19 -3.26
CA TRP A 80 10.70 -0.59 -4.46
C TRP A 80 9.46 -0.98 -5.26
N ALA A 81 9.65 -1.33 -6.52
CA ALA A 81 8.62 -1.97 -7.36
C ALA A 81 9.25 -3.16 -8.07
N LEU A 82 8.55 -4.30 -8.04
CA LEU A 82 8.98 -5.54 -8.71
C LEU A 82 7.81 -6.17 -9.43
N GLY A 83 8.07 -6.76 -10.55
CA GLY A 83 7.14 -7.68 -11.22
C GLY A 83 7.56 -7.92 -12.64
N VAL A 84 6.58 -7.84 -13.53
CA VAL A 84 6.76 -8.16 -14.97
C VAL A 84 5.95 -7.17 -15.77
N CYS A 85 6.28 -7.05 -17.05
CA CYS A 85 5.53 -6.23 -18.00
C CYS A 85 5.58 -6.87 -19.37
N ARG A 86 4.68 -6.47 -20.25
CA ARG A 86 4.72 -6.91 -21.65
C ARG A 86 5.97 -6.32 -22.29
N GLU A 87 6.60 -7.07 -23.17
CA GLU A 87 7.75 -6.59 -23.94
C GLU A 87 7.38 -5.28 -24.66
N ASN A 88 6.13 -5.13 -25.05
CA ASN A 88 5.70 -4.04 -25.96
C ASN A 88 5.03 -2.87 -25.18
N VAL A 89 5.24 -2.74 -23.89
CA VAL A 89 4.77 -1.55 -23.13
C VAL A 89 5.39 -0.28 -23.71
N ASN A 90 4.74 0.84 -23.47
CA ASN A 90 5.30 2.18 -23.74
C ASN A 90 6.32 2.50 -22.61
N ARG A 91 7.60 2.41 -22.91
CA ARG A 91 8.69 2.65 -21.93
C ARG A 91 8.87 4.15 -21.69
N LYS A 92 8.22 4.99 -22.49
CA LYS A 92 8.21 6.47 -22.28
C LYS A 92 6.92 6.91 -21.59
N GLU A 93 6.13 5.98 -21.08
CA GLU A 93 4.90 6.27 -20.30
C GLU A 93 5.25 7.30 -19.22
N LYS A 94 4.47 8.37 -19.10
CA LYS A 94 4.72 9.47 -18.13
C LYS A 94 3.75 9.38 -16.94
N GLY A 95 2.61 8.74 -17.12
CA GLY A 95 1.66 8.47 -16.03
C GLY A 95 1.96 7.16 -15.30
N GLU A 96 0.93 6.56 -14.71
CA GLU A 96 1.09 5.42 -13.82
C GLU A 96 1.42 4.17 -14.65
N LEU A 97 2.25 3.29 -14.12
CA LEU A 97 2.58 2.01 -14.75
C LEU A 97 1.60 0.98 -14.20
N SER A 98 0.52 0.73 -14.92
CA SER A 98 -0.68 0.03 -14.42
C SER A 98 -0.90 -1.23 -15.23
N ALA A 99 -1.67 -2.14 -14.67
CA ALA A 99 -2.09 -3.41 -15.30
C ALA A 99 -2.73 -3.11 -16.67
N GLY A 100 -3.53 -2.06 -16.75
CA GLY A 100 -4.22 -1.66 -17.98
C GLY A 100 -3.25 -1.34 -19.10
N ASN A 101 -2.03 -0.94 -18.80
CA ASN A 101 -0.99 -0.62 -19.83
C ASN A 101 0.07 -1.73 -19.93
N GLY A 102 -0.15 -2.89 -19.31
CA GLY A 102 0.74 -4.06 -19.46
C GLY A 102 1.85 -4.12 -18.40
N PHE A 103 1.65 -3.50 -17.25
CA PHE A 103 2.59 -3.52 -16.11
C PHE A 103 1.95 -4.22 -14.95
N TRP A 104 2.52 -5.33 -14.53
CA TRP A 104 2.01 -6.08 -13.36
C TRP A 104 3.06 -6.04 -12.26
N ILE A 105 3.01 -5.04 -11.40
CA ILE A 105 4.13 -4.75 -10.45
C ILE A 105 3.56 -4.55 -9.06
N LEU A 106 4.27 -5.07 -8.08
CA LEU A 106 4.03 -4.79 -6.65
C LEU A 106 4.90 -3.61 -6.25
N VAL A 107 4.31 -2.62 -5.64
CA VAL A 107 4.98 -1.36 -5.23
C VAL A 107 4.95 -1.27 -3.70
N PHE A 108 6.10 -1.22 -3.04
CA PHE A 108 6.20 -0.96 -1.58
C PHE A 108 6.58 0.51 -1.36
N LEU A 109 5.67 1.30 -0.78
CA LEU A 109 5.73 2.79 -0.67
C LEU A 109 5.66 3.25 0.79
N GLY A 110 5.57 2.37 1.75
CA GLY A 110 5.50 2.81 3.15
C GLY A 110 5.24 1.67 4.07
N SER A 111 4.97 1.93 5.34
CA SER A 111 4.86 0.88 6.38
CA SER A 111 4.85 0.87 6.36
C SER A 111 3.57 1.09 7.18
N TYR A 112 3.04 0.02 7.74
CA TYR A 112 1.82 0.04 8.58
C TYR A 112 2.19 -0.05 10.06
N TYR A 113 1.43 0.64 10.89
CA TYR A 113 1.50 0.58 12.37
C TYR A 113 0.10 0.44 12.92
N ASN A 114 -0.01 -0.07 14.12
CA ASN A 114 -1.32 -0.13 14.79
C ASN A 114 -1.16 0.52 16.13
N SER A 115 -2.25 1.05 16.65
CA SER A 115 -2.37 1.62 17.99
C SER A 115 -2.21 0.50 19.05
N SER A 116 -1.45 0.78 20.10
CA SER A 116 -1.00 -0.20 21.13
C SER A 116 -1.27 0.38 22.53
N GLU A 117 -0.54 -0.09 23.56
CA GLU A 117 -0.75 0.28 24.99
C GLU A 117 -0.39 1.77 25.21
N ARG A 118 0.83 2.19 24.81
CA ARG A 118 1.39 3.56 25.05
C ARG A 118 1.40 4.37 23.76
N ALA A 119 1.70 3.73 22.63
CA ALA A 119 2.30 4.33 21.41
C ALA A 119 1.61 3.77 20.14
N LEU A 120 2.42 3.55 19.07
CA LEU A 120 2.07 2.74 17.86
C LEU A 120 3.08 1.60 17.75
N ALA A 121 2.63 0.40 17.36
CA ALA A 121 3.50 -0.77 17.09
C ALA A 121 3.61 -0.96 15.57
N PRO A 122 4.84 -1.17 15.02
CA PRO A 122 4.99 -1.60 13.62
C PRO A 122 4.36 -3.00 13.44
N LEU A 123 3.75 -3.27 12.28
CA LEU A 123 3.07 -4.58 12.02
C LEU A 123 4.10 -5.71 11.86
N ARG A 124 5.08 -5.51 11.00
CA ARG A 124 6.04 -6.56 10.56
C ARG A 124 7.30 -5.87 10.14
N ASP A 125 8.44 -6.50 10.32
CA ASP A 125 9.68 -6.12 9.60
C ASP A 125 9.33 -6.09 8.12
N PRO A 126 9.71 -5.04 7.37
CA PRO A 126 9.75 -5.12 5.90
C PRO A 126 10.57 -6.31 5.42
N PRO A 127 10.17 -6.98 4.31
CA PRO A 127 10.99 -8.04 3.71
C PRO A 127 12.34 -7.50 3.24
N ARG A 128 13.39 -8.23 3.53
CA ARG A 128 14.75 -7.96 3.02
C ARG A 128 14.90 -8.70 1.70
N ARG A 129 14.18 -9.81 1.54
CA ARG A 129 14.28 -10.61 0.30
C ARG A 129 12.91 -11.00 -0.23
N VAL A 130 12.68 -10.67 -1.48
CA VAL A 130 11.36 -10.84 -2.11
C VAL A 130 11.48 -11.92 -3.17
N GLY A 131 10.56 -12.89 -3.14
CA GLY A 131 10.42 -13.89 -4.19
C GLY A 131 9.27 -13.51 -5.07
N ILE A 132 9.49 -13.64 -6.37
CA ILE A 132 8.44 -13.41 -7.41
C ILE A 132 8.23 -14.72 -8.17
N PHE A 133 6.99 -15.14 -8.25
CA PHE A 133 6.55 -16.37 -8.92
C PHE A 133 5.65 -15.99 -10.08
N LEU A 134 6.00 -16.50 -11.27
CA LEU A 134 5.19 -16.39 -12.51
C LEU A 134 4.78 -17.79 -12.98
N ASP A 135 3.49 -18.00 -13.19
CA ASP A 135 2.98 -19.23 -13.87
C ASP A 135 2.14 -18.83 -15.09
N TYR A 136 2.76 -18.80 -16.26
CA TYR A 136 2.27 -18.06 -17.46
C TYR A 136 0.89 -18.61 -17.82
N GLU A 137 0.81 -19.93 -17.96
CA GLU A 137 -0.43 -20.64 -18.40
C GLU A 137 -1.55 -20.46 -17.37
N ALA A 138 -1.25 -20.38 -16.06
CA ALA A 138 -2.27 -20.09 -15.00
C ALA A 138 -2.64 -18.60 -14.95
N GLY A 139 -1.96 -17.73 -15.71
CA GLY A 139 -2.15 -16.27 -15.62
C GLY A 139 -1.83 -15.76 -14.20
N HIS A 140 -0.83 -16.36 -13.55
CA HIS A 140 -0.53 -16.22 -12.10
C HIS A 140 0.74 -15.38 -11.92
N LEU A 141 0.67 -14.33 -11.11
CA LEU A 141 1.86 -13.59 -10.60
C LEU A 141 1.71 -13.30 -9.12
N SER A 142 2.65 -13.74 -8.31
CA SER A 142 2.54 -13.59 -6.83
C SER A 142 3.90 -13.29 -6.22
N PHE A 143 3.88 -12.63 -5.07
CA PHE A 143 5.08 -12.09 -4.39
C PHE A 143 5.08 -12.53 -2.94
N TYR A 144 6.28 -12.85 -2.43
CA TYR A 144 6.50 -13.42 -1.10
C TYR A 144 7.68 -12.71 -0.43
N SER A 145 7.63 -12.68 0.89
CA SER A 145 8.81 -12.55 1.76
C SER A 145 9.54 -13.89 1.78
N ALA A 146 10.66 -14.00 1.08
CA ALA A 146 11.37 -15.26 0.85
C ALA A 146 11.88 -15.84 2.18
N THR A 147 12.27 -15.02 3.12
CA THR A 147 12.88 -15.48 4.39
C THR A 147 11.84 -16.21 5.26
N ASP A 148 10.62 -15.67 5.38
CA ASP A 148 9.57 -16.30 6.24
C ASP A 148 8.49 -16.98 5.39
N GLY A 149 8.46 -16.80 4.07
CA GLY A 149 7.52 -17.50 3.17
C GLY A 149 6.11 -16.89 3.12
N SER A 150 5.90 -15.74 3.71
CA SER A 150 4.60 -15.01 3.70
C SER A 150 4.25 -14.52 2.30
N LEU A 151 2.99 -14.67 1.89
CA LEU A 151 2.42 -13.97 0.73
C LEU A 151 2.40 -12.47 0.98
N LEU A 152 2.96 -11.69 0.05
CA LEU A 152 2.82 -10.21 0.03
C LEU A 152 1.63 -9.82 -0.83
N PHE A 153 1.47 -10.41 -1.99
CA PHE A 153 0.46 -9.98 -2.99
C PHE A 153 0.30 -11.03 -4.07
N ILE A 154 -0.92 -11.21 -4.55
CA ILE A 154 -1.21 -12.05 -5.73
C ILE A 154 -2.14 -11.25 -6.62
N PHE A 155 -1.84 -11.17 -7.91
CA PHE A 155 -2.73 -10.53 -8.88
C PHE A 155 -3.96 -11.40 -9.09
N PRO A 156 -5.09 -10.83 -9.58
CA PRO A 156 -6.17 -11.63 -10.14
C PRO A 156 -5.59 -12.32 -11.37
N GLU A 157 -6.20 -13.42 -11.79
CA GLU A 157 -5.78 -14.15 -13.00
C GLU A 157 -5.60 -13.13 -14.13
N ILE A 158 -4.43 -13.16 -14.79
CA ILE A 158 -4.05 -12.23 -15.89
C ILE A 158 -4.03 -13.01 -17.19
N PRO A 159 -4.70 -12.49 -18.24
CA PRO A 159 -4.71 -13.14 -19.54
C PRO A 159 -3.43 -12.81 -20.32
N PHE A 160 -2.29 -13.32 -19.84
CA PHE A 160 -0.98 -13.13 -20.49
C PHE A 160 -1.07 -13.55 -21.96
N SER A 161 -0.51 -12.74 -22.81
CA SER A 161 -0.31 -13.01 -24.23
C SER A 161 1.03 -12.40 -24.64
N GLY A 162 1.79 -13.07 -25.49
CA GLY A 162 3.10 -12.57 -25.94
C GLY A 162 4.12 -12.58 -24.82
N THR A 163 5.22 -11.89 -25.03
CA THR A 163 6.43 -11.99 -24.21
C THR A 163 6.29 -11.08 -23.00
N LEU A 164 6.65 -11.60 -21.83
CA LEU A 164 6.80 -10.83 -20.57
C LEU A 164 8.27 -10.63 -20.27
N ARG A 165 8.58 -9.53 -19.60
CA ARG A 165 9.94 -9.23 -19.10
C ARG A 165 9.85 -9.00 -17.60
N PRO A 166 10.82 -9.47 -16.80
CA PRO A 166 10.91 -9.09 -15.40
C PRO A 166 11.34 -7.60 -15.28
N LEU A 167 10.68 -6.89 -14.39
CA LEU A 167 10.84 -5.43 -14.19
C LEU A 167 11.34 -5.17 -12.76
N PHE A 168 12.26 -4.23 -12.63
CA PHE A 168 12.88 -3.84 -11.35
C PHE A 168 12.90 -2.32 -11.26
N SER A 169 12.55 -1.79 -10.11
CA SER A 169 12.43 -0.33 -9.89
C SER A 169 12.80 0.00 -8.45
N PRO A 170 14.03 0.46 -8.19
CA PRO A 170 14.34 1.03 -6.90
C PRO A 170 13.81 2.47 -6.88
N LEU A 171 12.82 2.73 -6.06
CA LEU A 171 11.98 3.96 -6.08
C LEU A 171 12.61 5.10 -5.27
N SER A 172 13.59 4.83 -4.40
CA SER A 172 14.39 5.89 -3.73
C SER A 172 15.87 5.69 -4.03
N SER A 173 16.65 6.78 -3.98
CA SER A 173 18.10 6.78 -3.70
C SER A 173 18.34 6.18 -2.31
N SER A 174 19.28 5.25 -2.21
CA SER A 174 19.70 4.57 -0.96
C SER A 174 21.08 3.96 -1.17
N PRO A 175 21.94 3.95 -0.13
CA PRO A 175 23.22 3.23 -0.20
C PRO A 175 23.04 1.72 -0.44
N THR A 176 21.80 1.22 -0.37
CA THR A 176 21.43 -0.22 -0.53
C THR A 176 21.03 -0.54 -1.97
N PRO A 177 21.87 -1.22 -2.75
CA PRO A 177 21.47 -1.67 -4.07
C PRO A 177 20.38 -2.73 -3.95
N MET A 178 19.54 -2.81 -4.94
CA MET A 178 18.63 -3.94 -5.16
C MET A 178 19.40 -5.00 -5.94
N THR A 179 19.41 -6.24 -5.46
CA THR A 179 20.29 -7.30 -5.99
C THR A 179 19.46 -8.55 -6.30
N ILE A 180 19.56 -9.05 -7.51
CA ILE A 180 18.99 -10.34 -7.95
C ILE A 180 19.87 -11.44 -7.39
N CYS A 181 19.28 -12.40 -6.70
CA CYS A 181 20.00 -13.56 -6.09
C CYS A 181 20.31 -14.61 -7.16
N ARG A 182 21.57 -14.95 -7.35
CA ARG A 182 22.01 -15.98 -8.31
C ARG A 182 21.37 -17.33 -7.93
N PRO A 183 21.22 -18.25 -8.90
CA PRO A 183 20.80 -19.62 -8.60
C PRO A 183 21.81 -20.31 -7.68
N LYS A 184 21.32 -21.22 -6.85
CA LYS A 184 22.15 -22.04 -5.92
C LYS A 184 23.00 -23.03 -6.73
N GLY A 185 24.16 -23.41 -6.21
CA GLY A 185 25.17 -24.20 -6.93
C GLY A 185 25.83 -23.35 -8.00
N MET B 2 -15.43 -10.16 -11.23
CA MET B 2 -16.79 -10.42 -10.69
C MET B 2 -16.78 -11.78 -9.95
N GLY B 3 -16.46 -11.77 -8.65
CA GLY B 3 -16.58 -12.94 -7.75
C GLY B 3 -17.27 -12.55 -6.45
N LEU B 4 -17.31 -13.45 -5.47
CA LEU B 4 -18.09 -13.28 -4.23
C LEU B 4 -17.65 -11.95 -3.53
N VAL B 5 -16.36 -11.73 -3.40
CA VAL B 5 -15.87 -10.55 -2.66
C VAL B 5 -16.41 -9.25 -3.30
N GLU B 6 -16.48 -9.12 -4.63
CA GLU B 6 -16.98 -7.88 -5.25
C GLU B 6 -18.45 -7.68 -4.90
N THR B 7 -19.22 -8.75 -4.85
CA THR B 7 -20.65 -8.71 -4.52
C THR B 7 -20.82 -8.39 -3.04
N LEU B 8 -20.09 -9.04 -2.15
CA LEU B 8 -20.32 -8.85 -0.71
C LEU B 8 -19.90 -7.43 -0.29
N ARG B 9 -19.02 -6.77 -1.04
CA ARG B 9 -18.63 -5.37 -0.81
C ARG B 9 -19.85 -4.46 -0.96
N ARG B 10 -20.93 -4.94 -1.59
CA ARG B 10 -22.20 -4.18 -1.70
C ARG B 10 -22.93 -4.12 -0.35
N PHE B 11 -22.41 -4.75 0.72
CA PHE B 11 -22.88 -4.53 2.11
C PHE B 11 -22.25 -3.24 2.76
N ARG B 12 -21.32 -2.59 2.09
CA ARG B 12 -20.67 -1.42 2.74
C ARG B 12 -21.76 -0.36 3.04
N GLY B 13 -21.69 0.21 4.24
CA GLY B 13 -22.65 1.20 4.71
C GLY B 13 -22.13 2.62 4.51
N ASP B 14 -23.02 3.57 4.60
CA ASP B 14 -22.67 5.02 4.48
C ASP B 14 -22.07 5.51 5.78
N VAL B 15 -21.14 6.42 5.67
CA VAL B 15 -20.61 7.19 6.80
C VAL B 15 -20.55 8.64 6.35
N THR B 16 -21.05 9.54 7.18
CA THR B 16 -20.96 10.99 6.95
CA THR B 16 -21.04 11.00 6.98
C THR B 16 -20.13 11.59 8.08
N LEU B 17 -19.24 12.49 7.73
CA LEU B 17 -18.32 13.10 8.72
C LEU B 17 -19.10 14.06 9.61
N ASP B 18 -18.70 14.13 10.87
CA ASP B 18 -19.27 15.05 11.89
C ASP B 18 -18.40 16.25 12.00
N PRO B 19 -18.76 17.38 11.38
CA PRO B 19 -17.91 18.56 11.35
C PRO B 19 -17.57 19.13 12.72
N ASP B 20 -18.40 18.89 13.73
CA ASP B 20 -18.16 19.36 15.12
C ASP B 20 -16.91 18.68 15.73
N THR B 21 -16.48 17.55 15.18
CA THR B 21 -15.36 16.77 15.73
C THR B 21 -14.06 17.13 15.01
N ALA B 22 -14.14 17.82 13.84
CA ALA B 22 -13.03 17.94 12.88
C ALA B 22 -11.96 18.88 13.42
N ASN B 23 -10.73 18.41 13.43
CA ASN B 23 -9.54 19.21 13.72
C ASN B 23 -9.52 20.43 12.79
N PRO B 24 -9.06 21.59 13.27
CA PRO B 24 -9.06 22.80 12.45
C PRO B 24 -8.11 22.86 11.25
N GLU B 25 -7.24 21.88 11.10
CA GLU B 25 -6.40 21.78 9.88
C GLU B 25 -7.09 21.00 8.80
N LEU B 26 -8.26 20.42 9.08
CA LEU B 26 -8.92 19.57 8.09
C LEU B 26 -9.90 20.39 7.25
N ILE B 27 -10.00 20.07 5.97
CA ILE B 27 -10.98 20.62 5.02
C ILE B 27 -12.05 19.52 4.81
N LEU B 28 -13.33 19.84 5.02
CA LEU B 28 -14.45 18.90 4.76
C LEU B 28 -15.24 19.33 3.54
N SER B 29 -15.64 18.36 2.72
CA SER B 29 -16.50 18.61 1.55
C SER B 29 -17.90 18.95 2.04
N GLU B 30 -18.65 19.59 1.20
CA GLU B 30 -20.05 19.95 1.48
C GLU B 30 -20.90 18.68 1.60
N ASP B 31 -20.56 17.57 0.97
CA ASP B 31 -21.37 16.34 1.16
C ASP B 31 -20.91 15.54 2.41
N ARG B 32 -19.86 15.98 3.09
CA ARG B 32 -19.37 15.34 4.34
C ARG B 32 -18.90 13.89 4.09
N ARG B 33 -18.45 13.58 2.89
CA ARG B 33 -17.83 12.26 2.62
C ARG B 33 -16.35 12.40 2.31
N SER B 34 -15.81 13.58 2.13
CA SER B 34 -14.37 13.79 1.83
C SER B 34 -13.70 14.77 2.81
N VAL B 35 -12.44 14.50 3.11
CA VAL B 35 -11.60 15.33 4.01
C VAL B 35 -10.18 15.37 3.46
N GLN B 36 -9.56 16.53 3.54
CA GLN B 36 -8.14 16.73 3.18
C GLN B 36 -7.45 17.38 4.38
N ARG B 37 -6.18 17.12 4.52
CA ARG B 37 -5.32 17.77 5.52
C ARG B 37 -4.74 19.01 4.90
N GLY B 38 -5.08 20.18 5.45
CA GLY B 38 -4.48 21.46 5.05
C GLY B 38 -3.23 21.78 5.85
N ASP B 39 -2.57 22.90 5.54
CA ASP B 39 -1.34 23.32 6.23
C ASP B 39 -1.60 24.57 7.09
N LEU B 40 -2.86 24.95 7.28
CA LEU B 40 -3.27 26.13 8.08
C LEU B 40 -4.22 25.64 9.16
N ARG B 41 -4.21 26.30 10.25
CA ARG B 41 -5.21 26.17 11.30
C ARG B 41 -6.35 27.17 11.04
N GLN B 42 -7.56 26.67 10.78
CA GLN B 42 -8.78 27.49 10.61
C GLN B 42 -9.37 27.93 11.98
N ALA B 43 -10.18 28.99 11.95
CA ALA B 43 -10.93 29.52 13.10
C ALA B 43 -12.21 28.69 13.25
N LEU B 44 -12.24 27.79 14.21
CA LEU B 44 -13.45 26.99 14.50
C LEU B 44 -13.78 27.16 15.95
N PRO B 45 -15.07 27.02 16.35
CA PRO B 45 -15.43 27.11 17.76
C PRO B 45 -14.69 26.03 18.55
N ASP B 46 -14.13 26.34 19.71
CA ASP B 46 -13.53 25.32 20.59
C ASP B 46 -14.67 24.62 21.36
N SER B 47 -14.66 23.31 21.38
CA SER B 47 -15.69 22.55 22.10
C SER B 47 -15.12 21.22 22.53
N PRO B 48 -15.75 20.56 23.50
CA PRO B 48 -15.29 19.25 23.94
C PRO B 48 -15.31 18.19 22.83
N GLU B 49 -16.14 18.36 21.79
CA GLU B 49 -16.31 17.35 20.71
C GLU B 49 -15.10 17.36 19.74
N ARG B 50 -14.34 18.46 19.66
CA ARG B 50 -13.42 18.71 18.55
C ARG B 50 -12.02 18.17 18.88
N PHE B 51 -11.46 17.37 17.97
CA PHE B 51 -10.06 16.88 18.00
C PHE B 51 -9.12 18.06 17.82
N ASP B 52 -8.23 18.18 18.78
CA ASP B 52 -7.19 19.23 18.78
C ASP B 52 -6.18 18.86 19.86
N PRO B 53 -4.88 18.61 19.56
CA PRO B 53 -4.27 18.84 18.23
C PRO B 53 -4.27 17.66 17.25
N GLY B 54 -4.83 16.51 17.63
CA GLY B 54 -4.90 15.34 16.72
C GLY B 54 -5.67 15.69 15.45
N PRO B 55 -5.10 15.43 14.24
CA PRO B 55 -5.76 15.75 12.97
C PRO B 55 -6.81 14.72 12.53
N CYS B 56 -7.86 14.60 13.31
CA CYS B 56 -8.90 13.57 13.16
C CYS B 56 -10.26 14.22 12.95
N VAL B 57 -11.16 13.44 12.39
CA VAL B 57 -12.60 13.72 12.33
C VAL B 57 -13.35 12.40 12.49
N LEU B 58 -14.49 12.43 13.15
CA LEU B 58 -15.28 11.22 13.37
C LEU B 58 -16.42 11.17 12.36
N GLY B 59 -16.91 9.97 12.08
CA GLY B 59 -18.21 9.76 11.45
C GLY B 59 -19.33 10.08 12.40
N GLN B 60 -20.47 10.45 11.89
CA GLN B 60 -21.71 10.70 12.67
C GLN B 60 -22.20 9.39 13.25
N GLU B 61 -21.86 8.27 12.63
CA GLU B 61 -22.39 6.92 13.00
C GLU B 61 -21.91 6.55 14.41
N ARG B 62 -22.78 5.90 15.18
CA ARG B 62 -22.51 5.43 16.56
C ARG B 62 -22.76 3.93 16.58
N PHE B 63 -21.73 3.13 16.83
CA PHE B 63 -21.84 1.67 16.82
C PHE B 63 -21.97 1.18 18.25
N THR B 64 -23.00 0.37 18.52
CA THR B 64 -23.18 -0.27 19.87
C THR B 64 -23.33 -1.78 19.74
N SER B 65 -23.53 -2.30 18.52
CA SER B 65 -23.68 -3.75 18.26
C SER B 65 -23.60 -3.99 16.78
N GLY B 66 -23.50 -5.26 16.41
CA GLY B 66 -23.67 -5.69 15.03
C GLY B 66 -22.40 -5.56 14.20
N ARG B 67 -22.55 -5.87 12.94
CA ARG B 67 -21.49 -5.98 11.94
C ARG B 67 -21.59 -4.76 11.03
N HIS B 68 -20.47 -4.11 10.73
CA HIS B 68 -20.42 -2.85 9.95
C HIS B 68 -19.17 -2.87 9.09
N TYR B 69 -19.35 -2.55 7.82
CA TYR B 69 -18.27 -2.50 6.80
C TYR B 69 -18.39 -1.15 6.10
N TRP B 70 -17.27 -0.48 5.93
CA TRP B 70 -17.19 0.77 5.14
C TRP B 70 -15.88 0.82 4.41
N GLU B 71 -15.87 1.55 3.30
CA GLU B 71 -14.72 1.71 2.41
C GLU B 71 -14.33 3.17 2.32
N VAL B 72 -13.04 3.39 2.28
CA VAL B 72 -12.43 4.72 2.13
C VAL B 72 -11.45 4.68 0.95
N GLU B 73 -11.53 5.66 0.08
CA GLU B 73 -10.53 5.89 -0.97
C GLU B 73 -9.47 6.87 -0.45
N VAL B 74 -8.21 6.51 -0.54
CA VAL B 74 -7.04 7.37 -0.15
C VAL B 74 -6.03 7.35 -1.30
N GLY B 75 -5.14 8.34 -1.40
CA GLY B 75 -3.96 8.28 -2.31
C GLY B 75 -3.01 7.17 -1.92
N ASP B 76 -2.35 6.51 -2.85
CA ASP B 76 -1.50 5.32 -2.54
C ASP B 76 -0.16 5.75 -1.89
N ARG B 77 0.20 7.04 -1.97
CA ARG B 77 1.46 7.60 -1.35
C ARG B 77 1.16 8.46 -0.12
N THR B 78 -0.12 8.69 0.18
CA THR B 78 -0.62 9.52 1.34
C THR B 78 -0.43 8.73 2.66
N SER B 79 -0.09 9.38 3.75
CA SER B 79 -0.13 8.84 5.11
C SER B 79 -1.55 9.02 5.67
N TRP B 80 -2.06 8.03 6.40
CA TRP B 80 -3.41 8.09 6.95
C TRP B 80 -3.53 7.23 8.19
N ALA B 81 -4.55 7.52 8.99
CA ALA B 81 -5.00 6.65 10.10
C ALA B 81 -6.50 6.44 9.94
N LEU B 82 -6.93 5.20 10.07
CA LEU B 82 -8.35 4.80 10.00
C LEU B 82 -8.64 3.81 11.10
N GLY B 83 -9.87 3.85 11.58
CA GLY B 83 -10.38 2.86 12.48
C GLY B 83 -11.57 3.36 13.24
N VAL B 84 -11.59 3.03 14.52
CA VAL B 84 -12.67 3.42 15.42
C VAL B 84 -12.07 3.88 16.75
N CYS B 85 -12.86 4.62 17.51
CA CYS B 85 -12.51 4.99 18.88
C CYS B 85 -13.75 4.99 19.76
N ARG B 86 -13.55 4.88 21.06
CA ARG B 86 -14.64 5.05 22.04
C ARG B 86 -15.15 6.49 21.94
N GLU B 87 -16.44 6.66 22.05
CA GLU B 87 -17.11 7.96 22.17
C GLU B 87 -16.42 8.79 23.28
N ASN B 88 -15.89 8.15 24.34
CA ASN B 88 -15.35 8.88 25.53
C ASN B 88 -13.82 9.10 25.47
N VAL B 89 -13.15 8.92 24.33
CA VAL B 89 -11.71 9.23 24.23
C VAL B 89 -11.47 10.71 24.59
N ASN B 90 -10.27 11.00 25.02
CA ASN B 90 -9.75 12.38 25.16
C ASN B 90 -9.45 12.94 23.74
N ARG B 91 -10.32 13.82 23.28
CA ARG B 91 -10.23 14.45 21.97
C ARG B 91 -9.12 15.52 21.96
N LYS B 92 -8.59 15.89 23.14
CA LYS B 92 -7.48 16.85 23.26
C LYS B 92 -6.16 16.13 23.49
N GLU B 93 -6.11 14.83 23.24
CA GLU B 93 -4.88 14.03 23.41
C GLU B 93 -3.75 14.69 22.62
N LYS B 94 -2.58 14.85 23.22
CA LYS B 94 -1.38 15.52 22.60
C LYS B 94 -0.33 14.46 22.21
N GLY B 95 -0.36 13.28 22.81
CA GLY B 95 0.53 12.16 22.45
C GLY B 95 -0.03 11.28 21.33
N GLU B 96 0.48 10.06 21.25
CA GLU B 96 0.01 9.02 20.32
C GLU B 96 -1.42 8.62 20.66
N LEU B 97 -2.20 8.27 19.66
CA LEU B 97 -3.54 7.66 19.86
C LEU B 97 -3.32 6.16 20.11
N SER B 98 -3.66 5.69 21.29
CA SER B 98 -3.30 4.32 21.71
C SER B 98 -4.55 3.50 22.02
N ALA B 99 -4.44 2.19 21.83
CA ALA B 99 -5.47 1.19 22.15
C ALA B 99 -5.80 1.29 23.65
N GLY B 100 -4.80 1.50 24.49
CA GLY B 100 -4.97 1.63 25.96
C GLY B 100 -5.92 2.78 26.32
N ASN B 101 -6.00 3.81 25.47
CA ASN B 101 -6.84 5.01 25.70
C ASN B 101 -8.06 5.03 24.76
N GLY B 102 -8.37 3.92 24.10
CA GLY B 102 -9.64 3.74 23.43
C GLY B 102 -9.60 4.06 21.95
N PHE B 103 -8.42 4.05 21.34
CA PHE B 103 -8.23 4.28 19.88
C PHE B 103 -7.76 3.00 19.22
N TRP B 104 -8.54 2.45 18.31
CA TRP B 104 -8.15 1.25 17.54
C TRP B 104 -7.97 1.61 16.07
N ILE B 105 -6.75 1.96 15.69
CA ILE B 105 -6.47 2.52 14.36
C ILE B 105 -5.36 1.76 13.70
N LEU B 106 -5.46 1.67 12.38
CA LEU B 106 -4.36 1.31 11.48
C LEU B 106 -3.78 2.60 10.91
N VAL B 107 -2.48 2.73 10.93
CA VAL B 107 -1.74 3.91 10.39
C VAL B 107 -0.82 3.44 9.24
N PHE B 108 -0.89 4.12 8.12
CA PHE B 108 0.03 3.95 6.98
C PHE B 108 0.87 5.24 6.88
N LEU B 109 2.19 5.10 6.98
CA LEU B 109 3.14 6.22 6.79
C LEU B 109 3.91 5.99 5.49
N GLY B 110 3.72 6.84 4.51
CA GLY B 110 4.47 6.77 3.25
C GLY B 110 5.95 6.95 3.50
N SER B 111 6.81 6.27 2.75
CA SER B 111 8.30 6.37 2.89
C SER B 111 8.75 7.87 2.93
N TYR B 112 8.23 8.71 2.01
CA TYR B 112 8.44 10.20 1.95
C TYR B 112 9.91 10.52 1.70
N PRO B 122 3.28 15.68 -3.81
CA PRO B 122 2.88 14.79 -4.90
C PRO B 122 2.02 15.53 -5.95
N LEU B 123 2.39 15.43 -7.23
CA LEU B 123 1.65 16.07 -8.37
C LEU B 123 0.30 15.36 -8.58
N ARG B 124 0.31 14.03 -8.68
CA ARG B 124 -0.90 13.16 -8.70
C ARG B 124 -0.66 11.96 -7.79
N ASP B 125 -1.71 11.46 -7.16
CA ASP B 125 -1.60 10.42 -6.11
C ASP B 125 -2.67 9.38 -6.37
N PRO B 126 -2.38 8.29 -7.12
CA PRO B 126 -3.44 7.37 -7.56
C PRO B 126 -4.23 6.74 -6.38
N PRO B 127 -5.58 6.76 -6.43
CA PRO B 127 -6.38 6.29 -5.31
C PRO B 127 -6.29 4.78 -5.10
N ARG B 128 -6.32 4.36 -3.84
CA ARG B 128 -6.50 2.96 -3.43
C ARG B 128 -7.68 2.88 -2.46
N ARG B 129 -8.22 1.69 -2.30
CA ARG B 129 -9.45 1.48 -1.52
C ARG B 129 -9.12 0.65 -0.28
N VAL B 130 -9.42 1.19 0.89
CA VAL B 130 -9.32 0.49 2.18
C VAL B 130 -10.72 0.10 2.66
N GLY B 131 -10.87 -1.16 3.07
CA GLY B 131 -12.08 -1.66 3.71
C GLY B 131 -11.85 -1.76 5.18
N ILE B 132 -12.84 -1.37 5.98
CA ILE B 132 -12.80 -1.53 7.45
C ILE B 132 -14.02 -2.33 7.88
N PHE B 133 -13.78 -3.38 8.64
CA PHE B 133 -14.81 -4.29 9.15
C PHE B 133 -14.82 -4.25 10.67
N LEU B 134 -16.01 -4.01 11.24
CA LEU B 134 -16.30 -4.07 12.68
C LEU B 134 -17.34 -5.17 12.95
N ASP B 135 -17.03 -6.11 13.84
CA ASP B 135 -18.02 -7.08 14.41
C ASP B 135 -18.01 -6.95 15.93
N TYR B 136 -18.93 -6.14 16.45
CA TYR B 136 -18.87 -5.59 17.81
C TYR B 136 -18.82 -6.76 18.81
N GLU B 137 -19.77 -7.68 18.69
CA GLU B 137 -19.93 -8.81 19.62
C GLU B 137 -18.68 -9.71 19.58
N ALA B 138 -18.03 -9.88 18.40
CA ALA B 138 -16.78 -10.68 18.26
C ALA B 138 -15.55 -9.90 18.76
N GLY B 139 -15.70 -8.63 19.13
CA GLY B 139 -14.55 -7.76 19.49
C GLY B 139 -13.55 -7.64 18.34
N HIS B 140 -14.05 -7.62 17.12
CA HIS B 140 -13.32 -7.83 15.85
C HIS B 140 -13.23 -6.49 15.12
N LEU B 141 -12.02 -6.04 14.83
CA LEU B 141 -11.78 -4.92 13.89
C LEU B 141 -10.64 -5.29 12.94
N SER B 142 -10.89 -5.22 11.64
CA SER B 142 -9.90 -5.64 10.63
C SER B 142 -9.96 -4.69 9.43
N PHE B 143 -8.87 -4.66 8.69
CA PHE B 143 -8.63 -3.72 7.59
C PHE B 143 -8.13 -4.48 6.39
N TYR B 144 -8.54 -4.06 5.20
CA TYR B 144 -8.28 -4.73 3.92
C TYR B 144 -7.87 -3.73 2.88
N SER B 145 -7.07 -4.20 1.93
CA SER B 145 -7.05 -3.66 0.56
C SER B 145 -8.28 -4.17 -0.15
N ALA B 146 -9.31 -3.33 -0.28
CA ALA B 146 -10.67 -3.77 -0.65
C ALA B 146 -10.67 -4.34 -2.08
N THR B 147 -9.86 -3.79 -2.96
CA THR B 147 -9.86 -4.12 -4.40
C THR B 147 -9.34 -5.55 -4.59
N ASP B 148 -8.28 -5.97 -3.88
CA ASP B 148 -7.70 -7.33 -4.05
C ASP B 148 -8.09 -8.25 -2.87
N GLY B 149 -8.68 -7.72 -1.81
CA GLY B 149 -9.24 -8.53 -0.71
C GLY B 149 -8.20 -8.98 0.32
N SER B 150 -6.95 -8.52 0.20
CA SER B 150 -5.85 -8.76 1.17
C SER B 150 -6.20 -8.17 2.55
N LEU B 151 -6.01 -8.96 3.60
CA LEU B 151 -5.91 -8.49 4.99
C LEU B 151 -4.72 -7.56 5.12
N LEU B 152 -4.92 -6.36 5.66
CA LEU B 152 -3.84 -5.47 6.10
C LEU B 152 -3.52 -5.74 7.55
N PHE B 153 -4.53 -5.83 8.42
CA PHE B 153 -4.33 -5.98 9.89
C PHE B 153 -5.63 -6.39 10.53
N ILE B 154 -5.53 -7.19 11.57
CA ILE B 154 -6.66 -7.46 12.48
C ILE B 154 -6.16 -7.26 13.90
N PHE B 155 -6.95 -6.62 14.74
CA PHE B 155 -6.60 -6.44 16.15
C PHE B 155 -6.78 -7.76 16.86
N PRO B 156 -6.06 -7.97 17.97
CA PRO B 156 -6.44 -9.02 18.93
C PRO B 156 -7.86 -8.70 19.41
N GLU B 157 -8.57 -9.70 19.88
CA GLU B 157 -9.96 -9.52 20.34
C GLU B 157 -10.00 -8.31 21.27
N ILE B 158 -10.90 -7.38 21.00
CA ILE B 158 -11.09 -6.13 21.81
C ILE B 158 -12.37 -6.29 22.59
N PRO B 159 -12.33 -6.09 23.93
CA PRO B 159 -13.54 -6.18 24.74
C PRO B 159 -14.37 -4.89 24.64
N PHE B 160 -14.91 -4.59 23.45
CA PHE B 160 -15.75 -3.40 23.19
C PHE B 160 -16.85 -3.32 24.24
N SER B 161 -17.05 -2.12 24.75
CA SER B 161 -18.22 -1.73 25.57
C SER B 161 -18.56 -0.27 25.22
N GLY B 162 -19.84 0.06 25.24
CA GLY B 162 -20.30 1.43 24.96
C GLY B 162 -20.09 1.78 23.51
N THR B 163 -20.27 3.02 23.19
CA THR B 163 -20.41 3.50 21.80
C THR B 163 -19.06 3.66 21.14
N LEU B 164 -18.95 3.19 19.90
CA LEU B 164 -17.76 3.41 19.04
C LEU B 164 -18.12 4.40 17.94
N ARG B 165 -17.12 5.11 17.45
CA ARG B 165 -17.25 6.07 16.36
C ARG B 165 -16.18 5.72 15.33
N PRO B 166 -16.50 5.79 14.03
CA PRO B 166 -15.47 5.63 13.01
C PRO B 166 -14.60 6.87 13.01
N LEU B 167 -13.30 6.66 12.84
CA LEU B 167 -12.27 7.72 12.92
C LEU B 167 -11.54 7.79 11.58
N PHE B 168 -11.24 9.02 11.14
CA PHE B 168 -10.54 9.32 9.88
C PHE B 168 -9.47 10.38 10.14
N SER B 169 -8.25 10.15 9.67
CA SER B 169 -7.14 11.08 9.86
C SER B 169 -6.24 11.07 8.63
N PRO B 170 -6.38 12.05 7.72
CA PRO B 170 -5.40 12.26 6.66
C PRO B 170 -4.15 12.90 7.26
N LEU B 171 -3.02 12.18 7.24
CA LEU B 171 -1.79 12.60 7.98
C LEU B 171 -0.87 13.40 7.05
N SER B 172 -1.08 13.36 5.74
CA SER B 172 -0.22 14.12 4.78
C SER B 172 -1.11 14.88 3.81
N SER B 173 -0.54 15.88 3.18
CA SER B 173 -1.11 16.70 2.08
C SER B 173 -1.11 15.88 0.78
N SER B 174 -2.19 15.94 0.01
CA SER B 174 -2.38 15.18 -1.25
C SER B 174 -3.47 15.81 -2.06
N PRO B 175 -3.32 15.85 -3.40
CA PRO B 175 -4.42 16.29 -4.27
C PRO B 175 -5.57 15.27 -4.28
N THR B 176 -5.36 14.04 -3.75
CA THR B 176 -6.40 12.98 -3.62
C THR B 176 -6.99 13.03 -2.21
N PRO B 177 -8.26 13.49 -2.09
CA PRO B 177 -8.89 13.55 -0.78
C PRO B 177 -9.08 12.14 -0.23
N MET B 178 -9.20 12.03 1.07
CA MET B 178 -9.72 10.82 1.71
C MET B 178 -11.25 10.84 1.59
N THR B 179 -11.86 9.80 0.99
CA THR B 179 -13.29 9.83 0.63
C THR B 179 -13.96 8.55 1.09
N ILE B 180 -15.03 8.69 1.83
CA ILE B 180 -15.90 7.57 2.20
C ILE B 180 -16.71 7.20 0.97
N CYS B 181 -16.68 5.95 0.57
CA CYS B 181 -17.43 5.42 -0.61
C CYS B 181 -18.89 5.19 -0.21
N ARG B 182 -19.81 5.86 -0.87
CA ARG B 182 -21.26 5.71 -0.64
C ARG B 182 -21.68 4.25 -0.87
N PRO B 183 -22.77 3.80 -0.27
CA PRO B 183 -23.38 2.51 -0.62
C PRO B 183 -23.75 2.41 -2.10
N LYS B 184 -23.60 1.22 -2.66
CA LYS B 184 -24.00 0.88 -4.06
C LYS B 184 -25.52 0.98 -4.23
N GLY B 185 -25.98 1.30 -5.42
CA GLY B 185 -27.37 1.67 -5.70
C GLY B 185 -27.67 3.03 -5.10
#